data_7JVD
#
_entry.id   7JVD
#
_cell.length_a   49.516
_cell.length_b   134.302
_cell.length_c   133.119
_cell.angle_alpha   90.000
_cell.angle_beta   90.000
_cell.angle_gamma   90.000
#
_symmetry.space_group_name_H-M   'C 2 2 21'
#
loop_
_entity.id
_entity.type
_entity.pdbx_description
1 polymer '5.6 Fab heavy chain'
2 polymer '5.6 Fab light chain'
3 branched 'beta-D-glucopyranose-(1-3)-beta-D-glucopyranuronic acid-(1-4)-beta-D-glucopyranose'
4 water water
#
loop_
_entity_poly.entity_id
_entity_poly.type
_entity_poly.pdbx_seq_one_letter_code
_entity_poly.pdbx_strand_id
1 'polypeptide(L)'
;EVKLVESGGGLVKPGGSLKLSCAASGFTFSNYAMSWVRQTPEKRLEWVASIIIGGNTYYPDSVKGRFTISRDNARNILYL
QMSSLRSEDTAMYYCTRRVVVTKGGAMDYWGQGTSVTVSSAKTTPPSVYPLAPGSAAQTNSMVTLGCLVKGYFPEPVTVT
WNSGSLSSGVHTFPAVLQSDLYTLSSSVTVPSSTWPSETVTCNVAHPASSTKVDKKIVPR
;
H
2 'polypeptide(L)'
;RGQIVLTQSPAIMSASPGEKVTMTCSASSSVSYMYWYQQKPGSSPRLLIYDTSNLASGVPVRFSGSGSGTSYSLTISRME
AEDAATYYCQQWSTYPFTFGSGTKLEIKRADAAPTVSIFPPSSEQLTSGGASVVCFLNNFYPKDINVKWKIDGSERQNGV
LNSWTDQDSKDSTYSMSSTLTLTKDEYERHNSYTCEATHKTSTSPIVKSFNRNGEC
;
L
#
loop_
_chem_comp.id
_chem_comp.type
_chem_comp.name
_chem_comp.formula
BDP D-saccharide, beta linking 'beta-D-glucopyranuronic acid' 'C6 H10 O7'
BGC D-saccharide, beta linking beta-D-glucopyranose 'C6 H12 O6'
#
# COMPACT_ATOMS: atom_id res chain seq x y z
N GLU A 1 -15.76 -19.16 0.54
CA GLU A 1 -16.50 -18.06 1.13
C GLU A 1 -15.88 -17.69 2.45
N VAL A 2 -14.64 -18.11 2.64
CA VAL A 2 -13.92 -17.79 3.89
C VAL A 2 -13.70 -16.29 3.86
N LYS A 3 -14.09 -15.61 4.93
CA LYS A 3 -13.93 -14.14 5.00
C LYS A 3 -13.48 -13.75 6.40
N LEU A 4 -12.56 -12.80 6.48
CA LEU A 4 -12.07 -12.26 7.76
C LEU A 4 -12.15 -10.75 7.64
N VAL A 5 -12.97 -10.11 8.46
CA VAL A 5 -13.13 -8.65 8.41
C VAL A 5 -12.66 -8.04 9.72
N GLU A 6 -11.55 -7.31 9.70
CA GLU A 6 -11.07 -6.66 10.91
C GLU A 6 -11.69 -5.27 11.05
N SER A 7 -11.64 -4.75 12.28
CA SER A 7 -12.10 -3.40 12.58
C SER A 7 -11.60 -3.04 13.98
N GLY A 8 -11.85 -1.79 14.36
CA GLY A 8 -11.39 -1.26 15.63
C GLY A 8 -10.21 -0.31 15.54
N GLY A 9 -9.53 -0.24 14.39
CA GLY A 9 -8.36 0.58 14.28
C GLY A 9 -8.64 2.07 14.47
N GLY A 10 -7.57 2.82 14.75
CA GLY A 10 -7.70 4.25 14.81
C GLY A 10 -6.44 4.91 15.30
N LEU A 11 -6.56 6.08 15.92
CA LEU A 11 -5.44 6.82 16.49
C LEU A 11 -5.53 6.77 18.01
N VAL A 12 -4.40 6.53 18.66
CA VAL A 12 -4.34 6.54 20.12
C VAL A 12 -3.18 7.42 20.55
N LYS A 13 -3.34 8.08 21.69
CA LYS A 13 -2.16 8.74 22.24
C LYS A 13 -1.26 7.70 22.90
N PRO A 14 0.04 7.97 22.98
CA PRO A 14 0.96 7.05 23.67
C PRO A 14 0.43 6.65 25.04
N GLY A 15 0.46 5.35 25.33
CA GLY A 15 0.04 4.85 26.63
C GLY A 15 -1.44 4.61 26.75
N GLY A 16 -2.22 4.90 25.72
CA GLY A 16 -3.63 4.58 25.73
C GLY A 16 -3.86 3.12 25.41
N SER A 17 -5.10 2.81 25.06
CA SER A 17 -5.47 1.43 24.81
C SER A 17 -6.57 1.37 23.77
N LEU A 18 -6.77 0.19 23.22
CA LEU A 18 -7.65 0.03 22.08
C LEU A 18 -7.92 -1.46 21.94
N LYS A 19 -9.08 -1.80 21.39
CA LYS A 19 -9.45 -3.20 21.20
C LYS A 19 -9.82 -3.46 19.75
N LEU A 20 -9.08 -4.36 19.11
CA LEU A 20 -9.35 -4.76 17.74
C LEU A 20 -10.30 -5.95 17.71
N SER A 21 -10.99 -6.14 16.59
CA SER A 21 -11.92 -7.24 16.40
C SER A 21 -11.85 -7.74 14.97
N CYS A 22 -12.24 -9.00 14.78
CA CYS A 22 -12.19 -9.65 13.48
C CYS A 22 -13.36 -10.61 13.37
N ALA A 23 -14.17 -10.45 12.34
CA ALA A 23 -15.43 -11.18 12.22
C ALA A 23 -15.27 -12.22 11.11
N ALA A 24 -15.34 -13.49 11.49
CA ALA A 24 -15.03 -14.58 10.59
C ALA A 24 -16.30 -15.20 10.02
N SER A 25 -16.22 -15.64 8.76
CA SER A 25 -17.36 -16.24 8.07
C SER A 25 -16.86 -17.34 7.13
N GLY A 26 -17.73 -18.31 6.87
CA GLY A 26 -17.46 -19.31 5.83
C GLY A 26 -16.63 -20.51 6.25
N PHE A 27 -16.39 -20.73 7.55
CA PHE A 27 -15.72 -21.93 8.04
C PHE A 27 -16.09 -22.13 9.51
N THR A 28 -15.78 -23.31 10.03
CA THR A 28 -16.11 -23.61 11.43
C THR A 28 -15.06 -22.95 12.34
N PHE A 29 -15.38 -21.74 12.81
CA PHE A 29 -14.45 -20.93 13.58
C PHE A 29 -13.77 -21.74 14.67
N SER A 30 -14.57 -22.41 15.50
CA SER A 30 -14.06 -23.04 16.71
C SER A 30 -12.99 -24.09 16.42
N ASN A 31 -13.00 -24.69 15.23
CA ASN A 31 -12.06 -25.72 14.86
C ASN A 31 -10.65 -25.21 14.58
N TYR A 32 -10.41 -23.90 14.53
CA TYR A 32 -9.13 -23.39 14.07
C TYR A 32 -8.44 -22.54 15.12
N ALA A 33 -7.11 -22.64 15.16
CA ALA A 33 -6.25 -21.69 15.86
C ALA A 33 -6.18 -20.40 15.03
N MET A 34 -5.92 -19.27 15.71
CA MET A 34 -5.97 -17.96 15.06
C MET A 34 -4.82 -17.09 15.55
N SER A 35 -4.38 -16.18 14.71
CA SER A 35 -3.24 -15.35 15.05
C SER A 35 -3.50 -13.91 14.61
N TRP A 36 -2.77 -12.99 15.21
CA TRP A 36 -2.64 -11.60 14.75
C TRP A 36 -1.20 -11.35 14.29
N VAL A 37 -1.05 -10.77 13.09
CA VAL A 37 0.23 -10.36 12.54
C VAL A 37 0.10 -8.92 12.07
N ARG A 38 1.09 -8.10 12.35
CA ARG A 38 1.05 -6.69 11.95
C ARG A 38 2.11 -6.37 10.90
N GLN A 39 1.84 -5.38 10.08
CA GLN A 39 2.82 -4.88 9.11
C GLN A 39 3.10 -3.40 9.41
N THR A 40 4.36 -3.10 9.69
CA THR A 40 4.78 -1.75 10.03
C THR A 40 4.80 -0.85 8.80
N PRO A 41 4.89 0.46 9.02
CA PRO A 41 5.06 1.41 7.89
C PRO A 41 6.23 1.09 6.96
N GLU A 42 7.33 0.51 7.46
CA GLU A 42 8.39 0.05 6.57
C GLU A 42 8.08 -1.29 5.89
N LYS A 43 6.97 -1.95 6.24
CA LYS A 43 6.51 -3.19 5.60
C LYS A 43 7.18 -4.46 6.13
N ARG A 44 7.84 -4.40 7.28
CA ARG A 44 8.27 -5.61 7.97
C ARG A 44 7.04 -6.29 8.59
N LEU A 45 6.97 -7.62 8.48
CA LEU A 45 5.92 -8.39 9.15
C LEU A 45 6.42 -8.90 10.49
N GLU A 46 5.48 -8.99 11.43
CA GLU A 46 5.76 -9.15 12.85
C GLU A 46 4.57 -9.88 13.48
N TRP A 47 4.82 -11.10 13.95
CA TRP A 47 3.81 -11.87 14.67
C TRP A 47 3.55 -11.24 16.03
N VAL A 48 2.28 -11.08 16.43
CA VAL A 48 2.02 -10.47 17.74
C VAL A 48 1.20 -11.33 18.72
N ALA A 49 0.43 -12.33 18.27
CA ALA A 49 -0.32 -13.14 19.24
C ALA A 49 -0.90 -14.35 18.55
N SER A 50 -1.03 -15.44 19.32
CA SER A 50 -1.77 -16.64 18.91
C SER A 50 -2.67 -17.12 20.02
N ILE A 51 -3.78 -17.75 19.64
CA ILE A 51 -4.61 -18.53 20.55
C ILE A 51 -4.85 -19.88 19.88
N ILE A 52 -4.51 -20.97 20.56
CA ILE A 52 -4.46 -22.27 19.91
C ILE A 52 -5.54 -23.16 20.49
N ILE A 53 -5.82 -24.26 19.79
CA ILE A 53 -6.85 -25.16 20.26
C ILE A 53 -6.48 -25.61 21.66
N GLY A 54 -7.47 -25.61 22.55
CA GLY A 54 -7.25 -25.76 23.96
C GLY A 54 -7.15 -24.45 24.73
N GLY A 55 -7.03 -23.32 24.04
CA GLY A 55 -7.09 -22.05 24.74
C GLY A 55 -5.77 -21.43 25.16
N ASN A 56 -4.65 -22.13 25.01
CA ASN A 56 -3.36 -21.50 25.31
C ASN A 56 -3.14 -20.28 24.42
N THR A 57 -2.53 -19.23 24.98
CA THR A 57 -2.18 -18.03 24.25
C THR A 57 -0.67 -17.80 24.29
N TYR A 58 -0.11 -17.28 23.19
CA TYR A 58 1.32 -17.02 23.08
C TYR A 58 1.55 -15.65 22.50
N TYR A 59 2.59 -14.97 22.98
CA TYR A 59 2.97 -13.59 22.61
C TYR A 59 4.49 -13.43 22.53
N PRO A 60 5.01 -12.63 21.59
CA PRO A 60 6.44 -12.31 21.61
C PRO A 60 6.77 -11.38 22.77
N ASP A 61 8.07 -11.23 23.00
CA ASP A 61 8.53 -10.52 24.19
C ASP A 61 8.10 -9.06 24.20
N SER A 62 8.08 -8.41 23.03
CA SER A 62 7.88 -6.97 22.98
C SER A 62 6.44 -6.55 23.24
N VAL A 63 5.51 -7.50 23.34
CA VAL A 63 4.12 -7.18 23.66
C VAL A 63 3.61 -7.91 24.89
N LYS A 64 4.37 -8.86 25.44
CA LYS A 64 3.91 -9.61 26.60
C LYS A 64 3.59 -8.66 27.73
N GLY A 65 2.44 -8.85 28.38
CA GLY A 65 2.00 -7.96 29.43
C GLY A 65 1.22 -6.75 28.97
N ARG A 66 1.14 -6.48 27.66
CA ARG A 66 0.34 -5.36 27.15
C ARG A 66 -0.79 -5.78 26.20
N PHE A 67 -0.66 -6.88 25.47
CA PHE A 67 -1.68 -7.35 24.55
C PHE A 67 -2.33 -8.62 25.09
N THR A 68 -3.61 -8.80 24.76
CA THR A 68 -4.36 -9.97 25.16
C THR A 68 -5.29 -10.37 24.02
N ILE A 69 -5.15 -11.59 23.56
CA ILE A 69 -5.93 -12.15 22.46
C ILE A 69 -7.02 -12.99 23.09
N SER A 70 -8.18 -13.07 22.44
CA SER A 70 -9.26 -13.90 22.95
C SER A 70 -10.29 -14.07 21.84
N ARG A 71 -11.24 -14.97 22.07
CA ARG A 71 -12.15 -15.38 21.00
C ARG A 71 -13.53 -15.56 21.58
N ASP A 72 -14.52 -15.42 20.70
CA ASP A 72 -15.95 -15.58 21.01
C ASP A 72 -16.43 -16.60 19.99
N ASN A 73 -16.44 -17.87 20.37
CA ASN A 73 -16.86 -18.93 19.46
C ASN A 73 -18.38 -18.97 19.25
N ALA A 74 -19.15 -18.07 19.86
CA ALA A 74 -20.58 -17.98 19.63
C ALA A 74 -20.85 -17.26 18.32
N ARG A 75 -20.47 -15.98 18.25
CA ARG A 75 -20.62 -15.14 17.07
C ARG A 75 -19.38 -15.16 16.15
N ASN A 76 -18.36 -15.99 16.43
CA ASN A 76 -17.18 -16.17 15.57
C ASN A 76 -16.36 -14.88 15.41
N ILE A 77 -15.88 -14.35 16.53
CA ILE A 77 -15.13 -13.11 16.55
C ILE A 77 -13.79 -13.35 17.26
N LEU A 78 -12.73 -12.75 16.72
CA LEU A 78 -11.42 -12.72 17.36
C LEU A 78 -11.17 -11.32 17.87
N TYR A 79 -10.50 -11.21 19.02
CA TYR A 79 -10.21 -9.91 19.63
C TYR A 79 -8.72 -9.77 19.90
N LEU A 80 -8.22 -8.53 19.82
CA LEU A 80 -6.89 -8.17 20.32
C LEU A 80 -7.02 -6.96 21.23
N GLN A 81 -6.95 -7.17 22.53
CA GLN A 81 -6.98 -6.05 23.46
C GLN A 81 -5.57 -5.48 23.59
N MET A 82 -5.39 -4.20 23.28
CA MET A 82 -4.09 -3.55 23.33
C MET A 82 -4.09 -2.50 24.42
N SER A 83 -3.06 -2.49 25.25
CA SER A 83 -2.96 -1.53 26.33
C SER A 83 -1.53 -1.06 26.44
N SER A 84 -1.36 0.10 27.06
CA SER A 84 -0.07 0.71 27.29
C SER A 84 0.72 0.84 25.96
N LEU A 85 0.03 1.35 24.94
CA LEU A 85 0.59 1.39 23.59
C LEU A 85 1.77 2.36 23.52
N ARG A 86 2.62 2.11 22.53
CA ARG A 86 3.80 2.91 22.26
C ARG A 86 3.84 3.24 20.78
N SER A 87 4.66 4.24 20.43
CA SER A 87 4.70 4.67 19.03
C SER A 87 5.19 3.56 18.11
N GLU A 88 6.01 2.63 18.62
CA GLU A 88 6.47 1.52 17.78
C GLU A 88 5.37 0.52 17.46
N ASP A 89 4.20 0.63 18.08
CA ASP A 89 3.07 -0.25 17.81
C ASP A 89 2.26 0.16 16.57
N THR A 90 2.63 1.27 15.91
CA THR A 90 1.91 1.74 14.71
C THR A 90 2.05 0.73 13.56
N ALA A 91 0.92 0.27 13.01
CA ALA A 91 1.01 -0.79 12.00
C ALA A 91 -0.36 -1.08 11.39
N MET A 92 -0.36 -1.87 10.32
CA MET A 92 -1.55 -2.57 9.86
C MET A 92 -1.67 -3.91 10.60
N TYR A 93 -2.80 -4.11 11.28
CA TYR A 93 -3.04 -5.32 12.07
C TYR A 93 -3.87 -6.29 11.25
N TYR A 94 -3.31 -7.47 10.99
CA TYR A 94 -4.03 -8.53 10.31
C TYR A 94 -4.40 -9.63 11.30
N CYS A 95 -5.59 -10.16 11.12
CA CYS A 95 -6.08 -11.39 11.72
C CYS A 95 -5.90 -12.52 10.72
N THR A 96 -5.47 -13.68 11.20
CA THR A 96 -5.17 -14.80 10.31
C THR A 96 -5.71 -16.11 10.89
N ARG A 97 -6.10 -17.00 9.97
CA ARG A 97 -6.43 -18.38 10.29
C ARG A 97 -5.19 -19.25 10.14
N ARG A 98 -4.99 -20.16 11.09
CA ARG A 98 -3.82 -21.03 11.12
C ARG A 98 -4.07 -22.33 10.38
N VAL A 99 -3.09 -22.74 9.57
CA VAL A 99 -3.15 -24.03 8.89
C VAL A 99 -3.38 -25.15 9.90
N VAL A 100 -4.21 -26.13 9.50
CA VAL A 100 -4.59 -27.23 10.40
C VAL A 100 -3.55 -28.35 10.36
N VAL A 101 -3.30 -28.92 9.18
CA VAL A 101 -2.42 -30.09 9.04
C VAL A 101 -1.07 -29.59 8.52
N THR A 102 -0.09 -29.55 9.43
CA THR A 102 1.23 -29.01 9.16
C THR A 102 2.17 -29.56 10.20
N LYS A 103 3.42 -29.84 9.81
CA LYS A 103 4.41 -30.27 10.79
C LYS A 103 4.88 -29.12 11.69
N GLY A 104 4.64 -27.87 11.28
CA GLY A 104 5.01 -26.66 12.01
C GLY A 104 3.86 -25.71 12.35
N GLY A 105 3.78 -24.62 11.60
CA GLY A 105 2.74 -23.62 11.79
C GLY A 105 2.83 -22.56 10.72
N ALA A 106 1.69 -22.08 10.26
CA ALA A 106 1.65 -21.09 9.20
C ALA A 106 0.22 -20.58 9.11
N MET A 107 0.03 -19.51 8.36
CA MET A 107 -1.23 -18.76 8.34
C MET A 107 -1.84 -18.81 6.95
N ASP A 108 -2.92 -19.58 6.78
CA ASP A 108 -3.39 -19.83 5.43
C ASP A 108 -4.47 -18.87 4.94
N TYR A 109 -4.98 -17.96 5.77
CA TYR A 109 -5.83 -16.88 5.27
C TYR A 109 -5.61 -15.65 6.13
N TRP A 110 -5.58 -14.49 5.48
CA TRP A 110 -5.39 -13.22 6.14
C TRP A 110 -6.58 -12.33 5.82
N GLY A 111 -7.00 -11.56 6.80
CA GLY A 111 -8.00 -10.54 6.55
C GLY A 111 -7.41 -9.42 5.71
N GLN A 112 -8.17 -8.33 5.62
CA GLN A 112 -7.71 -7.19 4.85
C GLN A 112 -6.96 -6.16 5.69
N GLY A 113 -7.02 -6.26 7.00
CA GLY A 113 -6.20 -5.39 7.80
C GLY A 113 -6.97 -4.22 8.38
N THR A 114 -6.56 -3.78 9.55
CA THR A 114 -7.13 -2.60 10.17
C THR A 114 -5.99 -1.77 10.71
N SER A 115 -6.02 -0.48 10.43
CA SER A 115 -4.86 0.37 10.62
C SER A 115 -4.87 1.01 12.01
N VAL A 116 -3.71 1.00 12.68
CA VAL A 116 -3.56 1.58 14.01
C VAL A 116 -2.42 2.56 13.99
N THR A 117 -2.66 3.77 14.51
CA THR A 117 -1.60 4.76 14.65
C THR A 117 -1.53 5.22 16.10
N VAL A 118 -0.31 5.36 16.60
CA VAL A 118 -0.05 5.73 17.99
C VAL A 118 0.83 6.96 17.96
N SER A 119 0.28 8.09 18.37
CA SER A 119 0.97 9.36 18.12
C SER A 119 0.33 10.46 18.95
N SER A 120 1.16 11.43 19.33
CA SER A 120 0.67 12.60 20.05
C SER A 120 0.11 13.66 19.11
N ALA A 121 0.26 13.50 17.80
CA ALA A 121 -0.34 14.44 16.87
C ALA A 121 -1.86 14.32 16.95
N LYS A 122 -2.54 15.34 16.41
CA LYS A 122 -3.98 15.45 16.56
C LYS A 122 -4.72 15.07 15.28
N THR A 123 -5.91 14.48 15.44
CA THR A 123 -6.76 14.17 14.30
C THR A 123 -7.13 15.45 13.55
N THR A 124 -6.97 15.41 12.22
CA THR A 124 -7.23 16.55 11.34
C THR A 124 -7.89 16.04 10.07
N PRO A 125 -9.05 16.58 9.70
CA PRO A 125 -9.73 16.12 8.49
C PRO A 125 -9.06 16.69 7.23
N PRO A 126 -9.29 16.08 6.08
CA PRO A 126 -8.61 16.54 4.87
C PRO A 126 -9.34 17.71 4.21
N SER A 127 -8.58 18.53 3.48
CA SER A 127 -9.12 19.43 2.47
C SER A 127 -9.06 18.75 1.12
N VAL A 128 -10.17 18.79 0.37
CA VAL A 128 -10.27 18.08 -0.91
C VAL A 128 -10.44 19.11 -2.03
N TYR A 129 -9.52 19.09 -3.02
CA TYR A 129 -9.47 20.04 -4.12
C TYR A 129 -9.53 19.33 -5.47
N PRO A 130 -10.22 19.90 -6.45
CA PRO A 130 -10.31 19.27 -7.78
C PRO A 130 -9.17 19.67 -8.70
N LEU A 131 -8.83 18.73 -9.58
CA LEU A 131 -7.73 18.88 -10.53
C LEU A 131 -8.33 18.82 -11.93
N ALA A 132 -8.61 19.98 -12.48
CA ALA A 132 -9.06 20.11 -13.84
C ALA A 132 -7.98 20.76 -14.69
N PRO A 133 -7.81 20.31 -15.93
CA PRO A 133 -6.91 21.06 -16.84
C PRO A 133 -7.36 22.50 -16.99
N ASN A 140 -7.57 16.71 -26.79
CA ASN A 140 -7.02 15.34 -26.85
C ASN A 140 -8.06 14.24 -26.71
N SER A 141 -7.83 13.09 -27.32
CA SER A 141 -8.93 12.15 -27.38
C SER A 141 -9.25 11.55 -26.01
N MET A 142 -8.27 11.50 -25.09
CA MET A 142 -8.50 11.15 -23.69
C MET A 142 -8.07 12.30 -22.79
N VAL A 143 -8.76 12.47 -21.67
CA VAL A 143 -8.47 13.54 -20.72
C VAL A 143 -8.20 12.92 -19.36
N THR A 144 -7.30 13.54 -18.60
CA THR A 144 -6.97 13.08 -17.27
C THR A 144 -7.41 14.11 -16.25
N LEU A 145 -8.12 13.66 -15.22
CA LEU A 145 -8.63 14.50 -14.15
C LEU A 145 -8.11 13.98 -12.82
N GLY A 146 -8.27 14.78 -11.78
CA GLY A 146 -7.73 14.37 -10.51
C GLY A 146 -8.34 15.05 -9.31
N CYS A 147 -7.75 14.75 -8.17
CA CYS A 147 -8.34 15.08 -6.88
C CYS A 147 -7.19 15.17 -5.90
N LEU A 148 -7.03 16.30 -5.24
CA LEU A 148 -5.98 16.51 -4.26
C LEU A 148 -6.56 16.47 -2.85
N VAL A 149 -6.00 15.60 -2.00
CA VAL A 149 -6.48 15.36 -0.63
C VAL A 149 -5.36 15.75 0.32
N LYS A 150 -5.47 16.92 0.93
CA LYS A 150 -4.32 17.57 1.53
C LYS A 150 -4.52 17.73 3.03
N GLY A 151 -3.50 17.35 3.81
CA GLY A 151 -3.42 17.74 5.22
C GLY A 151 -4.32 17.04 6.22
N TYR A 152 -4.34 15.72 6.19
CA TYR A 152 -5.11 14.93 7.13
C TYR A 152 -4.18 14.10 8.01
N PHE A 153 -4.78 13.55 9.10
CA PHE A 153 -4.12 12.69 10.07
C PHE A 153 -5.21 11.98 10.88
N PRO A 154 -5.12 10.65 11.06
CA PRO A 154 -4.06 9.80 10.55
C PRO A 154 -4.47 9.21 9.21
N GLU A 155 -3.60 8.38 8.62
CA GLU A 155 -4.08 7.52 7.56
C GLU A 155 -5.11 6.54 8.14
N PRO A 156 -5.98 5.97 7.29
CA PRO A 156 -6.01 6.21 5.84
C PRO A 156 -7.16 7.13 5.39
N VAL A 157 -7.16 7.50 4.09
CA VAL A 157 -8.32 8.06 3.40
C VAL A 157 -8.73 7.07 2.33
N THR A 158 -10.00 7.11 1.95
CA THR A 158 -10.52 6.30 0.86
C THR A 158 -11.05 7.20 -0.26
N VAL A 159 -10.62 6.92 -1.50
CA VAL A 159 -10.94 7.71 -2.67
C VAL A 159 -11.65 6.79 -3.68
N THR A 160 -12.81 7.21 -4.16
CA THR A 160 -13.49 6.53 -5.25
C THR A 160 -13.95 7.59 -6.24
N TRP A 161 -14.38 7.13 -7.41
CA TRP A 161 -14.80 8.01 -8.49
C TRP A 161 -16.21 7.63 -8.91
N ASN A 162 -17.13 8.59 -8.83
CA ASN A 162 -18.53 8.39 -9.19
C ASN A 162 -19.14 7.21 -8.44
N SER A 163 -18.92 7.21 -7.12
CA SER A 163 -19.40 6.15 -6.22
C SER A 163 -19.03 4.75 -6.72
N GLY A 164 -17.76 4.59 -7.09
CA GLY A 164 -17.27 3.32 -7.54
C GLY A 164 -17.56 3.01 -8.99
N SER A 165 -18.46 3.75 -9.64
CA SER A 165 -18.80 3.48 -11.03
C SER A 165 -17.59 3.46 -11.95
N LEU A 166 -16.53 4.18 -11.59
CA LEU A 166 -15.30 4.23 -12.37
C LEU A 166 -14.25 3.35 -11.71
N SER A 167 -13.82 2.29 -12.42
CA SER A 167 -12.79 1.38 -11.93
C SER A 167 -11.53 1.49 -12.77
N SER A 168 -11.63 1.24 -14.06
CA SER A 168 -10.47 1.34 -14.92
C SER A 168 -10.16 2.82 -15.16
N GLY A 169 -8.88 3.11 -15.34
CA GLY A 169 -8.47 4.49 -15.50
C GLY A 169 -8.24 5.23 -14.20
N VAL A 170 -8.33 4.55 -13.07
CA VAL A 170 -8.14 5.18 -11.76
C VAL A 170 -6.94 4.56 -11.09
N HIS A 171 -6.03 5.41 -10.59
CA HIS A 171 -5.13 4.94 -9.56
C HIS A 171 -4.85 6.06 -8.57
N THR A 172 -4.49 5.65 -7.36
CA THR A 172 -4.32 6.56 -6.23
C THR A 172 -2.89 6.42 -5.73
N PHE A 173 -2.24 7.56 -5.49
CA PHE A 173 -0.84 7.52 -5.11
C PHE A 173 -0.71 7.37 -3.61
N PRO A 174 0.30 6.65 -3.11
CA PRO A 174 0.41 6.51 -1.65
C PRO A 174 0.56 7.88 -1.03
N ALA A 175 0.00 8.03 0.17
CA ALA A 175 0.12 9.26 0.93
C ALA A 175 1.59 9.59 1.17
N VAL A 176 1.90 10.87 1.27
CA VAL A 176 3.21 11.31 1.71
C VAL A 176 3.00 12.12 2.98
N LEU A 177 3.87 11.92 3.96
CA LEU A 177 3.74 12.54 5.28
C LEU A 177 4.70 13.72 5.37
N GLN A 178 4.16 14.91 5.60
CA GLN A 178 4.99 16.10 5.70
C GLN A 178 4.90 16.69 7.11
N SER A 179 5.69 16.11 8.00
CA SER A 179 5.95 16.45 9.40
C SER A 179 4.82 16.16 10.39
N ASP A 180 3.55 16.32 10.00
CA ASP A 180 2.48 15.84 10.86
C ASP A 180 1.20 15.65 10.09
N LEU A 181 1.23 15.92 8.79
CA LEU A 181 0.05 15.88 7.95
C LEU A 181 0.34 15.08 6.69
N TYR A 182 -0.61 14.26 6.30
CA TYR A 182 -0.50 13.50 5.07
C TYR A 182 -1.12 14.30 3.92
N THR A 183 -0.59 14.06 2.72
CA THR A 183 -1.15 14.53 1.47
C THR A 183 -1.11 13.37 0.47
N LEU A 184 -2.18 13.21 -0.30
CA LEU A 184 -2.18 12.26 -1.40
C LEU A 184 -2.99 12.83 -2.56
N SER A 185 -2.86 12.18 -3.71
CA SER A 185 -3.50 12.59 -4.95
C SER A 185 -4.09 11.35 -5.60
N SER A 186 -5.12 11.56 -6.42
CA SER A 186 -5.74 10.44 -7.14
C SER A 186 -6.09 10.93 -8.54
N SER A 187 -5.88 10.08 -9.54
CA SER A 187 -6.10 10.49 -10.91
C SER A 187 -7.02 9.49 -11.60
N VAL A 188 -7.76 10.00 -12.59
CA VAL A 188 -8.65 9.17 -13.41
C VAL A 188 -8.58 9.69 -14.84
N THR A 189 -8.67 8.78 -15.81
CA THR A 189 -8.66 9.16 -17.22
C THR A 189 -9.95 8.69 -17.90
N VAL A 190 -10.59 9.59 -18.65
CA VAL A 190 -11.84 9.27 -19.34
C VAL A 190 -11.81 9.84 -20.75
N PRO A 191 -12.66 9.29 -21.62
CA PRO A 191 -12.74 9.80 -23.00
C PRO A 191 -13.14 11.27 -23.03
N SER A 192 -12.59 11.99 -24.00
CA SER A 192 -12.93 13.40 -24.17
C SER A 192 -14.42 13.61 -24.39
N SER A 193 -15.10 12.62 -24.94
CA SER A 193 -16.52 12.70 -25.20
C SER A 193 -17.36 12.28 -24.01
N THR A 194 -16.72 11.89 -22.90
CA THR A 194 -17.42 11.66 -21.64
C THR A 194 -17.43 12.90 -20.75
N TRP A 195 -16.34 13.66 -20.70
CA TRP A 195 -16.21 14.82 -19.83
C TRP A 195 -15.76 16.01 -20.64
N PRO A 196 -16.34 17.21 -20.42
CA PRO A 196 -17.30 17.64 -19.38
C PRO A 196 -18.80 17.37 -19.61
N SER A 197 -19.17 16.81 -20.75
CA SER A 197 -20.59 16.64 -21.04
C SER A 197 -21.30 15.77 -20.00
N GLU A 198 -20.56 15.09 -19.13
CA GLU A 198 -21.12 14.33 -18.02
C GLU A 198 -20.28 14.62 -16.79
N THR A 199 -20.73 14.14 -15.64
CA THR A 199 -20.16 14.56 -14.36
C THR A 199 -19.16 13.54 -13.86
N VAL A 200 -18.02 14.05 -13.39
CA VAL A 200 -17.01 13.25 -12.70
C VAL A 200 -16.86 13.83 -11.30
N THR A 201 -17.04 12.96 -10.28
CA THR A 201 -16.96 13.32 -8.87
C THR A 201 -16.01 12.40 -8.14
N CYS A 202 -15.17 12.94 -7.26
CA CYS A 202 -14.34 12.11 -6.39
C CYS A 202 -14.95 12.11 -5.01
N ASN A 203 -15.22 10.92 -4.48
CA ASN A 203 -15.80 10.76 -3.15
C ASN A 203 -14.68 10.32 -2.20
N VAL A 204 -14.41 11.15 -1.21
CA VAL A 204 -13.33 10.95 -0.26
C VAL A 204 -13.97 10.69 1.10
N ALA A 205 -13.43 9.70 1.81
CA ALA A 205 -13.90 9.37 3.15
C ALA A 205 -12.70 9.36 4.08
N HIS A 206 -12.86 9.97 5.25
CA HIS A 206 -11.85 9.94 6.30
C HIS A 206 -12.49 9.41 7.57
N PRO A 207 -12.27 8.14 7.92
CA PRO A 207 -12.95 7.56 9.10
C PRO A 207 -12.57 8.22 10.41
N ALA A 208 -11.28 8.55 10.60
CA ALA A 208 -10.83 9.10 11.88
C ALA A 208 -11.64 10.31 12.29
N SER A 209 -12.02 11.14 11.33
CA SER A 209 -12.66 12.41 11.59
C SER A 209 -14.15 12.37 11.29
N SER A 210 -14.67 11.23 10.82
CA SER A 210 -16.08 11.08 10.50
C SER A 210 -16.48 11.94 9.29
N THR A 211 -15.57 12.10 8.32
CA THR A 211 -15.76 13.03 7.21
C THR A 211 -16.01 12.27 5.91
N LYS A 212 -16.92 12.82 5.09
CA LYS A 212 -17.18 12.25 3.77
C LYS A 212 -17.54 13.41 2.87
N VAL A 213 -16.71 13.71 1.87
CA VAL A 213 -16.99 14.78 0.92
C VAL A 213 -17.06 14.22 -0.49
N ASP A 214 -17.82 14.92 -1.34
CA ASP A 214 -17.98 14.60 -2.76
C ASP A 214 -17.79 15.89 -3.53
N LYS A 215 -16.70 15.98 -4.29
CA LYS A 215 -16.35 17.19 -5.01
C LYS A 215 -16.40 16.92 -6.51
N LYS A 216 -17.14 17.75 -7.20
CA LYS A 216 -17.29 17.64 -8.66
C LYS A 216 -16.09 18.27 -9.36
N ILE A 217 -15.63 17.63 -10.42
CA ILE A 217 -14.60 18.24 -11.26
C ILE A 217 -15.29 19.06 -12.33
N VAL A 218 -15.00 20.36 -12.37
CA VAL A 218 -15.66 21.27 -13.29
C VAL A 218 -14.64 21.98 -14.19
N PRO A 219 -14.98 22.26 -15.44
CA PRO A 219 -13.98 22.79 -16.39
C PRO A 219 -13.59 24.24 -16.09
N ARG A 220 -12.53 24.68 -16.75
CA ARG A 220 -12.11 26.09 -16.67
C ARG A 220 -12.06 26.61 -18.11
N GLN B 3 14.84 -14.69 17.57
CA GLN B 3 16.28 -14.56 17.49
C GLN B 3 16.87 -15.11 16.22
N ILE B 4 16.20 -16.10 15.64
CA ILE B 4 16.57 -16.56 14.31
C ILE B 4 16.23 -15.44 13.32
N VAL B 5 17.27 -14.87 12.70
CA VAL B 5 17.13 -13.81 11.71
C VAL B 5 17.10 -14.42 10.32
N LEU B 6 16.10 -14.06 9.54
CA LEU B 6 15.98 -14.50 8.16
C LEU B 6 16.39 -13.34 7.25
N THR B 7 17.33 -13.59 6.36
CA THR B 7 17.82 -12.56 5.46
C THR B 7 17.59 -13.03 4.03
N GLN B 8 16.67 -12.36 3.33
CA GLN B 8 16.28 -12.72 1.98
C GLN B 8 17.13 -11.98 0.96
N SER B 9 17.31 -12.60 -0.22
CA SER B 9 18.07 -11.96 -1.27
C SER B 9 17.64 -12.51 -2.63
N PRO B 10 17.77 -11.70 -3.69
CA PRO B 10 18.22 -10.33 -3.46
C PRO B 10 17.00 -9.49 -3.09
N ALA B 11 17.19 -8.26 -2.59
CA ALA B 11 16.05 -7.52 -2.06
C ALA B 11 15.10 -7.07 -3.17
N ILE B 12 15.63 -6.78 -4.36
CA ILE B 12 14.81 -6.46 -5.54
C ILE B 12 15.32 -7.28 -6.71
N MET B 13 14.40 -7.78 -7.52
CA MET B 13 14.82 -8.48 -8.72
C MET B 13 13.76 -8.30 -9.79
N SER B 14 14.15 -8.58 -11.03
CA SER B 14 13.31 -8.29 -12.19
C SER B 14 13.47 -9.42 -13.19
N ALA B 15 12.36 -9.92 -13.70
CA ALA B 15 12.38 -11.08 -14.57
C ALA B 15 11.52 -10.85 -15.81
N SER B 16 12.00 -11.35 -16.94
CA SER B 16 11.24 -11.27 -18.17
C SER B 16 10.12 -12.30 -18.16
N PRO B 17 9.08 -12.10 -18.95
CA PRO B 17 7.98 -13.07 -18.96
C PRO B 17 8.46 -14.42 -19.48
N GLY B 18 7.95 -15.50 -18.90
CA GLY B 18 8.31 -16.83 -19.30
C GLY B 18 9.66 -17.33 -18.83
N GLU B 19 10.43 -16.51 -18.12
CA GLU B 19 11.72 -16.91 -17.58
C GLU B 19 11.57 -17.59 -16.22
N LYS B 20 12.60 -18.35 -15.83
CA LYS B 20 12.62 -19.01 -14.53
C LYS B 20 13.26 -18.11 -13.48
N VAL B 21 12.68 -18.07 -12.29
CA VAL B 21 13.11 -17.13 -11.23
C VAL B 21 13.31 -17.91 -9.92
N THR B 22 14.35 -17.58 -9.18
CA THR B 22 14.55 -18.23 -7.87
C THR B 22 14.97 -17.17 -6.85
N MET B 23 14.40 -17.22 -5.66
CA MET B 23 14.78 -16.31 -4.56
C MET B 23 15.25 -17.16 -3.39
N THR B 24 16.09 -16.59 -2.53
CA THR B 24 16.71 -17.35 -1.43
C THR B 24 16.38 -16.74 -0.07
N CYS B 25 16.38 -17.56 0.96
CA CYS B 25 16.14 -17.17 2.35
C CYS B 25 17.24 -17.87 3.16
N SER B 26 18.21 -17.10 3.62
CA SER B 26 19.26 -17.62 4.48
C SER B 26 18.92 -17.35 5.94
N ALA B 27 19.13 -18.34 6.80
CA ALA B 27 18.72 -18.22 8.21
C ALA B 27 19.93 -18.15 9.14
N SER B 28 19.75 -17.43 10.25
CA SER B 28 20.81 -17.26 11.23
C SER B 28 21.24 -18.58 11.88
N SER B 29 20.38 -19.59 11.86
CA SER B 29 20.70 -20.93 12.34
C SER B 29 19.61 -21.86 11.81
N SER B 30 19.72 -23.15 12.16
CA SER B 30 18.83 -24.15 11.60
C SER B 30 17.37 -23.90 12.02
N VAL B 31 16.47 -24.12 11.08
CA VAL B 31 15.03 -24.07 11.33
C VAL B 31 14.45 -25.38 10.85
N SER B 32 13.31 -25.76 11.44
CA SER B 32 12.65 -27.02 11.07
C SER B 32 11.95 -26.92 9.72
N TYR B 33 11.18 -25.84 9.50
CA TYR B 33 10.41 -25.69 8.29
C TYR B 33 10.42 -24.22 7.87
N MET B 34 10.15 -24.00 6.59
CA MET B 34 10.15 -22.67 6.00
C MET B 34 8.82 -22.50 5.26
N TYR B 35 8.29 -21.28 5.26
CA TYR B 35 7.01 -20.97 4.64
C TYR B 35 7.17 -19.74 3.75
N TRP B 36 6.40 -19.68 2.67
CA TRP B 36 6.48 -18.58 1.72
C TRP B 36 5.11 -17.96 1.49
N TYR B 37 5.06 -16.62 1.54
CA TYR B 37 3.87 -15.82 1.26
C TYR B 37 4.12 -14.82 0.12
N GLN B 38 3.05 -14.46 -0.56
CA GLN B 38 3.06 -13.52 -1.67
C GLN B 38 2.10 -12.37 -1.36
N GLN B 39 2.59 -11.13 -1.45
CA GLN B 39 1.76 -9.96 -1.22
C GLN B 39 1.81 -9.06 -2.45
N LYS B 40 0.70 -8.99 -3.16
CA LYS B 40 0.53 -8.11 -4.29
C LYS B 40 0.19 -6.69 -3.81
N PRO B 41 0.45 -5.68 -4.64
CA PRO B 41 0.22 -4.29 -4.21
C PRO B 41 -1.24 -4.07 -3.81
N GLY B 42 -1.46 -3.43 -2.66
CA GLY B 42 -2.80 -3.19 -2.15
C GLY B 42 -3.46 -4.37 -1.45
N SER B 43 -2.83 -5.54 -1.37
CA SER B 43 -3.50 -6.75 -0.89
C SER B 43 -2.86 -7.30 0.37
N SER B 44 -3.52 -8.31 0.93
CA SER B 44 -3.09 -9.06 2.09
C SER B 44 -2.13 -10.18 1.67
N PRO B 45 -1.19 -10.59 2.56
CA PRO B 45 -0.34 -11.74 2.22
C PRO B 45 -1.17 -12.96 1.86
N ARG B 46 -0.59 -13.87 1.08
CA ARG B 46 -1.24 -15.09 0.63
C ARG B 46 -0.23 -16.22 0.71
N LEU B 47 -0.64 -17.31 1.34
CA LEU B 47 0.26 -18.45 1.53
C LEU B 47 0.49 -19.16 0.21
N LEU B 48 1.75 -19.49 -0.09
CA LEU B 48 2.12 -20.23 -1.29
C LEU B 48 2.62 -21.63 -1.00
N ILE B 49 3.54 -21.75 -0.05
CA ILE B 49 4.25 -22.99 0.23
C ILE B 49 4.34 -23.14 1.74
N TYR B 50 4.05 -24.34 2.23
CA TYR B 50 4.11 -24.67 3.64
C TYR B 50 4.95 -25.92 3.82
N ASP B 51 5.61 -26.04 4.98
CA ASP B 51 6.43 -27.20 5.31
C ASP B 51 7.53 -27.40 4.26
N THR B 52 8.09 -26.27 3.83
CA THR B 52 9.28 -26.11 2.99
C THR B 52 9.11 -26.50 1.52
N SER B 53 8.18 -27.40 1.20
CA SER B 53 8.12 -27.89 -0.17
C SER B 53 6.70 -28.15 -0.66
N ASN B 54 5.68 -27.92 0.16
CA ASN B 54 4.31 -28.25 -0.22
C ASN B 54 3.57 -27.04 -0.77
N LEU B 55 2.85 -27.27 -1.86
CA LEU B 55 2.07 -26.21 -2.47
C LEU B 55 0.76 -26.09 -1.72
N ALA B 56 0.41 -24.86 -1.35
CA ALA B 56 -0.83 -24.61 -0.63
C ALA B 56 -2.01 -24.56 -1.59
N SER B 57 -3.18 -24.92 -1.08
CA SER B 57 -4.35 -25.15 -1.92
C SER B 57 -4.75 -23.88 -2.68
N GLY B 58 -4.91 -24.02 -3.98
CA GLY B 58 -5.23 -22.92 -4.88
C GLY B 58 -4.07 -22.29 -5.62
N VAL B 59 -2.87 -22.82 -5.47
CA VAL B 59 -1.64 -22.15 -5.88
C VAL B 59 -1.16 -22.77 -7.18
N PRO B 60 -0.94 -21.97 -8.25
CA PRO B 60 -0.52 -22.55 -9.55
C PRO B 60 0.70 -23.46 -9.43
N VAL B 61 0.88 -24.36 -10.40
CA VAL B 61 1.93 -25.39 -10.26
C VAL B 61 3.33 -24.89 -10.54
N ARG B 62 3.48 -23.69 -11.13
CA ARG B 62 4.83 -23.18 -11.43
C ARG B 62 5.60 -22.76 -10.21
N PHE B 63 4.96 -22.73 -9.04
CA PHE B 63 5.58 -22.33 -7.79
C PHE B 63 6.14 -23.57 -7.08
N SER B 64 7.37 -23.45 -6.61
CA SER B 64 8.06 -24.58 -5.98
C SER B 64 8.94 -24.08 -4.84
N GLY B 65 9.07 -24.90 -3.79
CA GLY B 65 9.99 -24.61 -2.71
C GLY B 65 10.91 -25.77 -2.40
N SER B 66 12.06 -25.43 -1.82
CA SER B 66 12.93 -26.46 -1.25
C SER B 66 13.96 -25.76 -0.36
N GLY B 67 14.97 -26.51 0.04
CA GLY B 67 15.95 -26.05 1.00
C GLY B 67 16.03 -27.00 2.18
N SER B 68 16.94 -26.67 3.09
CA SER B 68 17.09 -27.44 4.31
C SER B 68 18.16 -26.75 5.16
N GLY B 69 18.19 -27.10 6.44
CA GLY B 69 19.16 -26.44 7.32
C GLY B 69 18.93 -24.95 7.37
N THR B 70 19.93 -24.16 6.96
CA THR B 70 19.86 -22.70 7.00
C THR B 70 19.52 -22.04 5.66
N SER B 71 19.20 -22.79 4.60
CA SER B 71 19.13 -22.20 3.27
C SER B 71 17.92 -22.75 2.51
N TYR B 72 17.05 -21.86 2.06
CA TYR B 72 15.79 -22.25 1.43
C TYR B 72 15.53 -21.40 0.21
N SER B 73 14.75 -21.93 -0.72
CA SER B 73 14.47 -21.13 -1.91
C SER B 73 13.04 -21.31 -2.38
N LEU B 74 12.56 -20.28 -3.07
CA LEU B 74 11.31 -20.33 -3.81
C LEU B 74 11.63 -20.16 -5.29
N THR B 75 10.87 -20.87 -6.14
CA THR B 75 11.16 -20.86 -7.57
C THR B 75 9.87 -20.73 -8.37
N ILE B 76 9.90 -19.88 -9.39
CA ILE B 76 8.82 -19.82 -10.36
C ILE B 76 9.41 -20.31 -11.67
N SER B 77 8.85 -21.39 -12.20
CA SER B 77 9.48 -22.02 -13.36
C SER B 77 9.32 -21.18 -14.63
N ARG B 78 8.16 -20.52 -14.79
CA ARG B 78 7.82 -19.75 -15.99
C ARG B 78 7.08 -18.48 -15.57
N MET B 79 7.82 -17.36 -15.48
CA MET B 79 7.31 -16.13 -14.90
C MET B 79 6.16 -15.53 -15.71
N GLU B 80 5.12 -15.07 -15.00
CA GLU B 80 3.95 -14.45 -15.61
C GLU B 80 3.61 -13.15 -14.88
N ALA B 81 2.86 -12.28 -15.56
CA ALA B 81 2.72 -10.91 -15.08
C ALA B 81 2.02 -10.85 -13.73
N GLU B 82 1.06 -11.75 -13.51
CA GLU B 82 0.36 -11.77 -12.24
C GLU B 82 1.27 -12.17 -11.06
N ASP B 83 2.53 -12.54 -11.31
CA ASP B 83 3.45 -12.95 -10.26
C ASP B 83 4.30 -11.81 -9.72
N ALA B 84 4.13 -10.59 -10.23
CA ALA B 84 4.82 -9.43 -9.66
C ALA B 84 4.27 -9.12 -8.26
N ALA B 85 5.14 -9.12 -7.25
CA ALA B 85 4.73 -8.98 -5.87
C ALA B 85 5.92 -8.94 -4.94
N THR B 86 5.68 -8.79 -3.63
CA THR B 86 6.71 -8.97 -2.62
C THR B 86 6.53 -10.35 -1.99
N TYR B 87 7.63 -11.10 -1.88
CA TYR B 87 7.67 -12.46 -1.37
C TYR B 87 8.39 -12.50 -0.04
N TYR B 88 7.74 -13.09 0.97
CA TYR B 88 8.28 -13.19 2.32
C TYR B 88 8.44 -14.65 2.72
N CYS B 89 9.55 -14.97 3.38
CA CYS B 89 9.68 -16.25 4.05
C CYS B 89 9.46 -16.12 5.56
N GLN B 90 9.03 -17.23 6.15
CA GLN B 90 8.75 -17.31 7.58
C GLN B 90 9.16 -18.69 8.10
N GLN B 91 9.76 -18.71 9.29
CA GLN B 91 10.36 -19.90 9.85
C GLN B 91 9.51 -20.48 10.98
N TRP B 92 9.52 -21.81 11.06
CA TRP B 92 9.02 -22.52 12.23
C TRP B 92 10.20 -23.22 12.93
N SER B 93 10.25 -23.08 14.25
CA SER B 93 11.29 -23.70 15.07
C SER B 93 10.81 -23.58 16.52
N THR B 94 11.67 -23.92 17.48
CA THR B 94 11.23 -23.88 18.86
C THR B 94 10.75 -22.49 19.28
N TYR B 95 11.32 -21.42 18.69
CA TYR B 95 10.81 -20.04 18.80
C TYR B 95 10.43 -19.54 17.42
N PRO B 96 9.20 -19.77 16.97
CA PRO B 96 8.90 -19.60 15.55
C PRO B 96 8.43 -18.20 15.23
N PHE B 97 8.07 -18.01 13.95
CA PHE B 97 7.27 -16.89 13.46
C PHE B 97 8.05 -15.59 13.30
N THR B 98 9.36 -15.67 13.13
CA THR B 98 10.07 -14.53 12.59
C THR B 98 10.03 -14.59 11.07
N PHE B 99 9.99 -13.41 10.45
CA PHE B 99 9.81 -13.25 9.02
C PHE B 99 11.06 -12.62 8.42
N GLY B 100 11.35 -12.97 7.18
CA GLY B 100 12.27 -12.18 6.37
C GLY B 100 11.68 -10.82 5.98
N SER B 101 12.55 -9.98 5.40
CA SER B 101 12.18 -8.63 5.00
C SER B 101 11.51 -8.56 3.64
N GLY B 102 11.64 -9.57 2.80
CA GLY B 102 10.88 -9.46 1.57
C GLY B 102 11.82 -9.40 0.39
N THR B 103 11.43 -10.08 -0.68
CA THR B 103 12.01 -9.90 -2.01
C THR B 103 10.92 -9.30 -2.90
N LYS B 104 11.20 -8.16 -3.49
CA LYS B 104 10.26 -7.50 -4.39
C LYS B 104 10.57 -7.90 -5.83
N LEU B 105 9.60 -8.50 -6.51
CA LEU B 105 9.81 -9.04 -7.83
C LEU B 105 8.98 -8.27 -8.86
N GLU B 106 9.65 -7.67 -9.84
CA GLU B 106 8.96 -7.00 -10.94
C GLU B 106 9.05 -7.81 -12.23
N ILE B 107 8.05 -7.66 -13.05
CA ILE B 107 7.98 -8.25 -14.39
C ILE B 107 8.54 -7.25 -15.39
N LYS B 108 9.37 -7.72 -16.33
CA LYS B 108 9.78 -6.85 -17.42
C LYS B 108 8.68 -6.82 -18.48
N ARG B 109 8.51 -5.65 -19.09
CA ARG B 109 7.51 -5.41 -20.12
C ARG B 109 8.11 -4.48 -21.16
N ALA B 110 7.32 -4.13 -22.17
CA ALA B 110 7.81 -3.20 -23.19
C ALA B 110 7.91 -1.78 -22.61
N ASP B 111 9.04 -1.12 -22.87
CA ASP B 111 9.24 0.27 -22.45
C ASP B 111 8.07 1.16 -22.87
N ALA B 112 7.58 1.97 -21.92
CA ALA B 112 6.45 2.86 -22.17
C ALA B 112 6.80 4.25 -21.68
N ALA B 113 6.58 5.27 -22.54
CA ALA B 113 6.80 6.66 -22.18
C ALA B 113 5.68 7.16 -21.25
N PRO B 114 5.99 8.07 -20.34
CA PRO B 114 4.96 8.62 -19.46
C PRO B 114 3.95 9.50 -20.19
N THR B 115 2.71 9.43 -19.73
CA THR B 115 1.68 10.39 -20.10
C THR B 115 1.66 11.50 -19.05
N VAL B 116 1.89 12.74 -19.48
CA VAL B 116 2.15 13.84 -18.56
C VAL B 116 0.97 14.80 -18.53
N SER B 117 0.58 15.21 -17.33
CA SER B 117 -0.51 16.15 -17.08
C SER B 117 -0.13 17.14 -16.00
N ILE B 118 -0.54 18.40 -16.17
CA ILE B 118 -0.29 19.44 -15.18
C ILE B 118 -1.59 20.18 -14.88
N PHE B 119 -1.75 20.61 -13.63
CA PHE B 119 -3.01 21.15 -13.18
C PHE B 119 -2.71 22.40 -12.38
N PRO B 120 -3.30 23.54 -12.72
CA PRO B 120 -3.15 24.75 -11.88
C PRO B 120 -4.00 24.63 -10.63
N PRO B 121 -3.76 25.48 -9.61
CA PRO B 121 -4.56 25.40 -8.38
C PRO B 121 -6.04 25.59 -8.63
N SER B 122 -6.84 24.97 -7.77
CA SER B 122 -8.28 25.16 -7.78
C SER B 122 -8.68 26.48 -7.13
N SER B 123 -9.83 27.01 -7.57
CA SER B 123 -10.28 28.29 -7.02
C SER B 123 -10.60 28.17 -5.54
N GLU B 124 -11.08 26.99 -5.10
CA GLU B 124 -11.31 26.77 -3.68
C GLU B 124 -10.03 26.94 -2.87
N GLN B 125 -8.91 26.41 -3.37
CA GLN B 125 -7.69 26.51 -2.60
C GLN B 125 -7.22 27.95 -2.52
N LEU B 126 -7.38 28.70 -3.60
CA LEU B 126 -6.90 30.07 -3.65
C LEU B 126 -7.60 30.95 -2.62
N THR B 127 -8.91 30.74 -2.40
CA THR B 127 -9.59 31.62 -1.46
C THR B 127 -9.07 31.44 -0.02
N SER B 128 -8.40 30.34 0.30
CA SER B 128 -7.81 30.17 1.63
C SER B 128 -6.35 30.56 1.68
N GLY B 129 -5.79 31.05 0.59
CA GLY B 129 -4.40 31.49 0.58
C GLY B 129 -3.39 30.47 0.12
N GLY B 130 -3.83 29.36 -0.49
CA GLY B 130 -2.92 28.32 -0.92
C GLY B 130 -3.06 28.00 -2.39
N ALA B 131 -1.96 27.49 -2.97
CA ALA B 131 -1.92 27.21 -4.41
C ALA B 131 -1.02 26.01 -4.64
N SER B 132 -1.63 24.84 -4.81
CA SER B 132 -0.91 23.63 -5.18
C SER B 132 -0.94 23.46 -6.70
N VAL B 133 0.23 23.25 -7.29
CA VAL B 133 0.37 22.85 -8.68
C VAL B 133 0.74 21.38 -8.67
N VAL B 134 -0.02 20.56 -9.43
CA VAL B 134 0.14 19.11 -9.43
C VAL B 134 0.47 18.64 -10.83
N CYS B 135 1.37 17.65 -10.91
CA CYS B 135 1.76 16.98 -12.15
C CYS B 135 1.62 15.48 -11.97
N PHE B 136 0.90 14.81 -12.88
CA PHE B 136 0.85 13.34 -12.92
C PHE B 136 1.74 12.84 -14.06
N LEU B 137 2.55 11.81 -13.79
CA LEU B 137 3.31 11.07 -14.81
C LEU B 137 2.82 9.61 -14.81
N ASN B 138 2.00 9.23 -15.78
CA ASN B 138 1.20 8.02 -15.72
C ASN B 138 1.69 6.96 -16.71
N ASN B 139 1.77 5.72 -16.22
CA ASN B 139 1.85 4.50 -17.03
C ASN B 139 3.14 4.42 -17.83
N PHE B 140 4.26 4.49 -17.13
CA PHE B 140 5.56 4.36 -17.76
C PHE B 140 6.28 3.08 -17.31
N TYR B 141 7.25 2.68 -18.12
CA TYR B 141 8.19 1.61 -17.83
C TYR B 141 9.46 1.85 -18.65
N PRO B 142 10.66 1.76 -18.04
CA PRO B 142 10.93 1.31 -16.67
C PRO B 142 10.64 2.35 -15.58
N LYS B 143 10.92 1.97 -14.32
CA LYS B 143 10.51 2.77 -13.17
C LYS B 143 11.33 4.04 -13.03
N ASP B 144 12.57 4.06 -13.53
CA ASP B 144 13.50 5.14 -13.24
C ASP B 144 13.10 6.39 -14.03
N ILE B 145 12.94 7.52 -13.35
CA ILE B 145 12.44 8.72 -13.99
C ILE B 145 12.84 9.93 -13.16
N ASN B 146 12.94 11.08 -13.81
CA ASN B 146 13.25 12.33 -13.15
C ASN B 146 12.25 13.41 -13.55
N VAL B 147 11.88 14.25 -12.59
CA VAL B 147 10.90 15.32 -12.80
C VAL B 147 11.55 16.65 -12.40
N LYS B 148 11.42 17.65 -13.27
CA LYS B 148 11.91 19.00 -13.00
C LYS B 148 10.75 19.99 -13.05
N TRP B 149 10.64 20.83 -12.02
CA TRP B 149 9.74 21.97 -12.04
C TRP B 149 10.47 23.24 -12.48
N LYS B 150 9.88 23.97 -13.43
CA LYS B 150 10.37 25.29 -13.83
C LYS B 150 9.27 26.33 -13.64
N ILE B 151 9.58 27.40 -12.95
CA ILE B 151 8.68 28.52 -12.72
C ILE B 151 9.22 29.71 -13.48
N ASP B 152 8.44 30.23 -14.42
CA ASP B 152 8.90 31.29 -15.31
C ASP B 152 10.28 30.96 -15.88
N GLY B 153 10.42 29.75 -16.40
CA GLY B 153 11.63 29.33 -17.08
C GLY B 153 12.83 29.00 -16.21
N SER B 154 12.72 29.08 -14.88
CA SER B 154 13.83 28.70 -14.01
C SER B 154 13.44 27.58 -13.05
N GLU B 155 14.43 26.76 -12.74
CA GLU B 155 14.21 25.58 -11.92
C GLU B 155 13.80 25.96 -10.50
N ARG B 156 12.95 25.12 -9.90
CA ARG B 156 12.51 25.32 -8.53
C ARG B 156 12.59 23.98 -7.80
N GLN B 157 13.23 24.00 -6.63
CA GLN B 157 13.41 22.77 -5.89
C GLN B 157 12.75 22.74 -4.52
N ASN B 158 12.47 23.88 -3.91
CA ASN B 158 11.92 23.85 -2.57
C ASN B 158 10.39 23.80 -2.61
N GLY B 159 9.81 22.96 -1.74
CA GLY B 159 8.38 22.82 -1.66
C GLY B 159 7.79 21.73 -2.52
N VAL B 160 8.60 20.76 -2.93
CA VAL B 160 8.23 19.76 -3.92
C VAL B 160 8.17 18.41 -3.24
N LEU B 161 7.06 17.69 -3.48
CA LEU B 161 6.80 16.37 -2.89
C LEU B 161 6.43 15.39 -3.98
N ASN B 162 7.15 14.26 -4.04
CA ASN B 162 6.90 13.19 -4.98
C ASN B 162 6.36 11.96 -4.28
N SER B 163 5.56 11.18 -5.01
CA SER B 163 5.03 9.92 -4.55
C SER B 163 5.00 9.00 -5.77
N TRP B 164 5.40 7.74 -5.59
CA TRP B 164 5.47 6.77 -6.69
C TRP B 164 4.60 5.57 -6.37
N THR B 165 3.96 5.00 -7.39
CA THR B 165 3.18 3.80 -7.18
C THR B 165 4.03 2.55 -7.33
N ASP B 166 3.41 1.40 -7.05
CA ASP B 166 3.99 0.10 -7.31
C ASP B 166 3.65 -0.36 -8.72
N GLN B 167 4.36 -1.39 -9.18
CA GLN B 167 4.04 -1.95 -10.48
C GLN B 167 2.58 -2.35 -10.49
N ASP B 168 1.81 -1.81 -11.42
CA ASP B 168 0.42 -2.19 -11.58
C ASP B 168 0.33 -3.65 -11.96
N SER B 169 -0.53 -4.41 -11.23
CA SER B 169 -0.68 -5.83 -11.54
C SER B 169 -1.31 -6.06 -12.90
N LYS B 170 -2.10 -5.09 -13.40
CA LYS B 170 -2.82 -5.28 -14.66
C LYS B 170 -1.90 -5.11 -15.87
N ASP B 171 -1.36 -3.90 -16.08
CA ASP B 171 -0.51 -3.67 -17.25
C ASP B 171 0.98 -3.55 -16.94
N SER B 172 1.38 -3.68 -15.67
CA SER B 172 2.78 -3.74 -15.28
C SER B 172 3.54 -2.42 -15.46
N THR B 173 2.86 -1.27 -15.43
CA THR B 173 3.56 0.01 -15.56
C THR B 173 3.65 0.71 -14.22
N TYR B 174 4.40 1.81 -14.21
CA TYR B 174 4.54 2.64 -13.02
C TYR B 174 3.88 4.00 -13.24
N SER B 175 3.57 4.68 -12.15
CA SER B 175 3.04 6.04 -12.22
C SER B 175 3.66 6.88 -11.11
N MET B 176 3.60 8.20 -11.26
CA MET B 176 4.29 9.07 -10.32
C MET B 176 3.49 10.37 -10.17
N SER B 177 3.55 10.94 -8.99
CA SER B 177 2.88 12.18 -8.69
C SER B 177 3.89 13.19 -8.14
N SER B 178 3.81 14.43 -8.60
CA SER B 178 4.66 15.49 -8.08
C SER B 178 3.82 16.74 -7.81
N THR B 179 3.95 17.29 -6.61
CA THR B 179 3.15 18.42 -6.16
C THR B 179 4.07 19.57 -5.74
N LEU B 180 3.79 20.77 -6.23
CA LEU B 180 4.51 21.97 -5.83
C LEU B 180 3.55 22.87 -5.07
N THR B 181 3.73 23.00 -3.75
CA THR B 181 2.80 23.74 -2.90
C THR B 181 3.37 25.13 -2.58
N LEU B 182 2.64 26.18 -2.98
CA LEU B 182 2.96 27.56 -2.72
C LEU B 182 1.80 28.26 -2.01
N THR B 183 2.08 29.40 -1.41
CA THR B 183 1.01 30.30 -1.03
C THR B 183 0.41 30.98 -2.27
N LYS B 184 -0.85 31.44 -2.13
CA LYS B 184 -1.47 32.24 -3.17
C LYS B 184 -0.56 33.37 -3.63
N ASP B 185 0.11 34.03 -2.67
CA ASP B 185 0.95 35.18 -2.98
C ASP B 185 2.16 34.79 -3.84
N GLU B 186 2.85 33.70 -3.51
CA GLU B 186 3.96 33.28 -4.35
C GLU B 186 3.48 32.82 -5.71
N TYR B 187 2.27 32.28 -5.78
CA TYR B 187 1.78 31.77 -7.05
C TYR B 187 1.46 32.91 -8.01
N GLU B 188 0.95 34.02 -7.48
CA GLU B 188 0.53 35.16 -8.28
C GLU B 188 1.65 36.13 -8.63
N ARG B 189 2.88 35.87 -8.20
CA ARG B 189 4.05 36.62 -8.62
C ARG B 189 4.79 35.98 -9.79
N HIS B 190 4.25 34.95 -10.42
CA HIS B 190 4.88 34.32 -11.57
C HIS B 190 3.79 33.91 -12.54
N ASN B 191 4.20 33.58 -13.76
CA ASN B 191 3.21 33.29 -14.78
C ASN B 191 3.30 31.90 -15.36
N SER B 192 4.49 31.40 -15.70
CA SER B 192 4.61 30.15 -16.43
C SER B 192 4.99 29.02 -15.47
N TYR B 193 4.21 27.94 -15.48
CA TYR B 193 4.52 26.77 -14.67
C TYR B 193 4.72 25.57 -15.57
N THR B 194 5.83 24.86 -15.39
CA THR B 194 6.23 23.81 -16.32
C THR B 194 6.68 22.55 -15.58
N CYS B 195 6.21 21.41 -16.08
CA CYS B 195 6.58 20.08 -15.59
C CYS B 195 7.42 19.39 -16.65
N GLU B 196 8.66 19.00 -16.29
CA GLU B 196 9.66 18.46 -17.23
C GLU B 196 10.08 17.04 -16.83
N ALA B 197 9.70 16.05 -17.64
CA ALA B 197 9.95 14.64 -17.34
C ALA B 197 11.00 14.05 -18.27
N THR B 198 12.05 13.47 -17.69
CA THR B 198 13.09 12.77 -18.46
C THR B 198 13.03 11.27 -18.15
N HIS B 199 12.77 10.46 -19.18
CA HIS B 199 12.66 9.01 -19.09
C HIS B 199 13.55 8.41 -20.18
N LYS B 200 13.98 7.17 -20.00
CA LYS B 200 14.88 6.64 -21.03
C LYS B 200 14.17 6.44 -22.37
N THR B 201 12.83 6.46 -22.40
CA THR B 201 12.14 6.25 -23.67
C THR B 201 12.33 7.41 -24.65
N SER B 202 12.91 8.54 -24.23
CA SER B 202 13.06 9.69 -25.10
C SER B 202 14.30 10.48 -24.72
N THR B 203 14.99 10.99 -25.72
CA THR B 203 16.21 11.74 -25.42
C THR B 203 15.90 13.19 -25.07
N SER B 204 14.85 13.73 -25.59
CA SER B 204 14.48 15.03 -25.06
C SER B 204 13.38 14.89 -24.01
N PRO B 205 13.27 15.83 -23.07
CA PRO B 205 12.26 15.71 -22.01
C PRO B 205 10.83 15.90 -22.53
N ILE B 206 9.88 15.24 -21.86
CA ILE B 206 8.46 15.50 -22.09
C ILE B 206 8.04 16.68 -21.21
N VAL B 207 7.40 17.69 -21.82
CA VAL B 207 7.09 18.95 -21.17
C VAL B 207 5.59 19.22 -21.23
N LYS B 208 5.03 19.69 -20.12
CA LYS B 208 3.70 20.27 -20.10
C LYS B 208 3.76 21.55 -19.29
N SER B 209 2.92 22.53 -19.65
CA SER B 209 2.97 23.82 -18.96
C SER B 209 1.67 24.59 -19.11
N PHE B 210 1.46 25.55 -18.21
CA PHE B 210 0.37 26.50 -18.34
C PHE B 210 0.83 27.87 -17.88
N ASN B 211 0.11 28.89 -18.36
CA ASN B 211 0.29 30.26 -17.93
C ASN B 211 -0.85 30.63 -17.01
N ARG B 212 -0.52 31.16 -15.83
CA ARG B 212 -1.54 31.50 -14.83
C ARG B 212 -2.64 32.42 -15.38
N ASN B 213 -2.32 33.30 -16.33
CA ASN B 213 -3.27 34.29 -16.83
C ASN B 213 -3.84 33.96 -18.21
N GLY B 214 -3.72 32.70 -18.65
CA GLY B 214 -4.25 32.28 -19.95
C GLY B 214 -5.60 31.60 -19.83
C2 BGC C . 0.06 -26.47 17.86
C3 BGC C . 1.21 -25.46 17.95
C4 BGC C . 1.87 -25.45 19.32
C5 BGC C . 2.14 -26.88 19.72
C6 BGC C . 2.54 -26.92 21.21
C1 BGC C . 0.50 -27.88 18.28
O1 BGC C . -0.60 -28.75 18.32
O2 BGC C . -0.34 -26.54 16.54
O3 BGC C . 0.71 -24.17 17.76
O4 BGC C . 3.11 -24.78 19.28
O5 BGC C . 1.05 -27.75 19.56
O6 BGC C . 3.86 -26.46 21.36
H2 BGC C . -0.72 -26.15 18.54
H3 BGC C . 1.93 -25.76 17.19
H4 BGC C . 1.20 -24.94 20.02
H5 BGC C . 2.92 -27.24 19.07
H61 BGC C . 2.46 -27.93 21.58
H62 BGC C . 1.86 -26.27 21.77
H1 BGC C . 1.20 -28.31 17.57
HO1 BGC C . -0.82 -28.94 19.21
HO2 BGC C . -0.96 -27.25 16.42
HO3 BGC C . 0.18 -23.92 18.51
HO6 BGC C . 4.18 -26.08 20.56
C1 BDP C . 3.16 -23.52 19.90
C2 BDP C . 4.67 -23.23 20.11
C3 BDP C . 4.84 -21.72 20.45
C4 BDP C . 4.08 -20.81 19.48
C5 BDP C . 2.63 -21.20 19.45
C6 BDP C . 1.81 -20.38 18.41
O2 BDP C . 5.27 -23.99 21.11
O3 BDP C . 6.19 -21.41 20.28
O4 BDP C . 4.20 -19.48 19.88
O5 BDP C . 2.58 -22.55 19.06
O6A BDP C . 2.03 -19.15 18.19
O6B BDP C . 0.88 -20.96 17.79
H1 BDP C . 2.61 -23.51 20.83
H2 BDP C . 5.16 -23.49 19.20
H3 BDP C . 4.48 -21.56 21.45
H4 BDP C . 4.50 -20.93 18.48
H5 BDP C . 2.21 -21.03 20.42
HO2 BDP C . 6.12 -23.63 21.32
HO4 BDP C . 4.90 -19.07 19.40
C2 BGC C . 6.15 -19.57 22.02
C3 BGC C . 7.13 -19.07 23.10
C4 BGC C . 7.48 -20.13 24.15
C5 BGC C . 8.02 -21.33 23.42
C6 BGC C . 8.15 -22.60 24.26
C1 BGC C . 6.85 -20.74 21.30
O2 BGC C . 5.94 -18.56 21.08
O3 BGC C . 6.63 -17.97 23.82
O4 BGC C . 8.49 -19.63 25.01
O5 BGC C . 7.19 -21.68 22.32
O6 BGC C . 8.56 -23.60 23.36
H2 BGC C . 5.20 -19.87 22.44
H3 BGC C . 8.00 -18.82 22.52
H4 BGC C . 6.60 -20.38 24.73
H5 BGC C . 9.02 -21.02 23.14
H61 BGC C . 8.88 -22.47 25.05
H62 BGC C . 7.19 -22.86 24.70
H1 BGC C . 7.68 -20.28 20.79
HO2 BGC C . 6.75 -18.10 20.94
HO3 BGC C . 6.63 -18.17 24.73
HO4 BGC C . 8.40 -20.00 25.87
HO6 BGC C . 8.89 -24.34 23.85
#